data_7DO1
#
_entry.id   7DO1
#
loop_
_entity.id
_entity.type
_entity.pdbx_description
1 polymer "DNA (5'-D(*GP*GP*GP*TP*TP*AP*GP*GP*GP*TP*TP*AP*GP*GP*G)-3')"
2 polymer "DNA (5'-D(*TP*TP*AP*GP*GP*G)-3')"
#
loop_
_entity_poly.entity_id
_entity_poly.type
_entity_poly.pdbx_seq_one_letter_code
_entity_poly.pdbx_strand_id
1 'polydeoxyribonucleotide' (DG)(DG)(DG)(DT)(DT)(DA)(DG)(DG)(DG)(DT)(DT)(DA)(DG)(DG)(DG) A
2 'polydeoxyribonucleotide' (DT)(DT)(DA)(DG)(DG)(DG) B
#
loop_
_chem_comp.id
_chem_comp.type
_chem_comp.name
_chem_comp.formula
DA DNA linking 2'-DEOXYADENOSINE-5'-MONOPHOSPHATE 'C10 H14 N5 O6 P'
DG DNA linking 2'-DEOXYGUANOSINE-5'-MONOPHOSPHATE 'C10 H14 N5 O7 P'
DT DNA linking THYMIDINE-5'-MONOPHOSPHATE 'C10 H15 N2 O8 P'
#